data_6A60
#
_entry.id   6A60
#
_cell.length_a   102.849
_cell.length_b   102.849
_cell.length_c   109.456
_cell.angle_alpha   90.000
_cell.angle_beta   90.000
_cell.angle_gamma   90.000
#
_symmetry.space_group_name_H-M   'P 43 21 2'
#
loop_
_entity.id
_entity.type
_entity.pdbx_description
1 polymer 'Bile acid receptor'
2 polymer 'Nuclear receptor coactivator 1'
3 polymer 'Retinoic acid receptor RXR-alpha'
4 non-polymer '3-[(E)-2-(2-chloro-4-{[3-(2,6-dichlorophenyl)-5-(1-methylethyl)isoxazol-4-yl]methoxy}phenyl)ethenyl]benzoic acid'
5 non-polymer '(9cis)-retinoic acid'
6 water water
#
loop_
_entity_poly.entity_id
_entity_poly.type
_entity_poly.pdbx_seq_one_letter_code
_entity_poly.pdbx_strand_id
1 'polypeptide(L)'
;ELTPDQQTLLHFIMDSYNKQRMPQEITNKILKEEFSAEENFLILTEMATNHVQVLVEFTKKLPGFQTLDHEDQIALLKGS
AVEAMFLRSAEIFNKKLPSGHSDLLEERIRNSGISDEYITPMFSFYKSIGELKMTQEEYALLTAIVILSPDRQYIKDREA
VEKLQEPLLDVLQKLCKIHQPENPQHFAELLGRLTELRTFNHHHAEMLMSWRVNDHKFTPLLEEIWDVQ
;
A
2 'polypeptide(L)' ERHKILHRLLQEGSPS B,F
3 'polypeptide(L)'
;SANEDMPVERILEAELAVEPKTETYVEANMGLNPSSPNDPVTNICQAADKQLFTLVEWAKRIPHFSELPLDDQVILLRAG
WNELLIASFSHRSIAVKDGILLATGLHVHRNSAHSAGVGAIFDRVLTELVSKMRDMQMDKTELGCLRAIVLFNPDSKGLS
NPAEVEALREKVYASLEAYCKHKYPEQPGRFAKLLLRLPALRSIGLKCLEHLFFFKLIGDTPIDTFLMEMLEAPHQMT
;
D
#
# COMPACT_ATOMS: atom_id res chain seq x y z
N GLU A 1 8.59 -20.42 -18.38
CA GLU A 1 9.98 -20.32 -18.92
C GLU A 1 10.51 -18.89 -18.69
N LEU A 2 11.83 -18.70 -18.81
CA LEU A 2 12.49 -17.43 -18.64
C LEU A 2 12.06 -16.53 -19.81
N THR A 3 12.26 -15.22 -19.61
CA THR A 3 11.62 -14.10 -20.29
C THR A 3 12.16 -13.96 -21.72
N PRO A 4 11.45 -13.23 -22.60
CA PRO A 4 11.90 -13.01 -24.00
C PRO A 4 13.27 -12.32 -24.19
N ASP A 5 13.54 -11.32 -23.36
CA ASP A 5 14.82 -10.65 -23.32
C ASP A 5 15.67 -11.31 -22.23
N GLN A 6 15.01 -12.02 -21.32
CA GLN A 6 15.67 -12.79 -20.27
C GLN A 6 16.61 -11.95 -19.39
N GLN A 7 17.62 -12.66 -18.88
CA GLN A 7 18.62 -12.12 -17.94
C GLN A 7 19.13 -10.78 -18.45
N THR A 8 19.15 -10.56 -19.77
CA THR A 8 19.81 -9.36 -20.27
C THR A 8 19.26 -8.08 -19.61
N LEU A 9 17.92 -7.94 -19.55
CA LEU A 9 17.35 -6.72 -19.04
C LEU A 9 17.57 -6.65 -17.54
N LEU A 10 17.40 -7.78 -16.82
CA LEU A 10 17.69 -7.74 -15.40
C LEU A 10 19.18 -7.48 -15.10
N HIS A 11 20.15 -7.94 -15.86
CA HIS A 11 21.51 -7.63 -15.59
C HIS A 11 21.83 -6.15 -15.83
N PHE A 12 21.26 -5.55 -16.86
CA PHE A 12 21.37 -4.08 -17.01
C PHE A 12 20.83 -3.32 -15.78
N ILE A 13 19.74 -3.80 -15.20
CA ILE A 13 19.18 -3.18 -14.02
C ILE A 13 20.12 -3.39 -12.79
N MET A 14 20.56 -4.62 -12.61
CA MET A 14 21.35 -4.96 -11.39
C MET A 14 22.67 -4.20 -11.35
N ASP A 15 23.23 -3.69 -12.44
CA ASP A 15 24.38 -2.80 -12.37
C ASP A 15 24.08 -1.36 -11.94
N SER A 16 22.83 -1.04 -11.58
CA SER A 16 22.52 0.14 -10.86
C SER A 16 22.57 -0.18 -9.36
N TYR A 17 22.25 -1.43 -9.04
CA TYR A 17 22.36 -2.00 -7.68
C TYR A 17 23.76 -2.61 -7.43
N ASN A 18 24.65 -2.57 -8.43
CA ASN A 18 26.08 -2.79 -8.34
C ASN A 18 26.71 -1.44 -7.92
N LYS A 19 26.22 -0.35 -8.54
CA LYS A 19 26.59 1.03 -8.19
C LYS A 19 26.06 1.40 -6.79
N GLN A 20 25.08 0.67 -6.28
CA GLN A 20 24.76 0.65 -4.84
C GLN A 20 26.09 0.60 -4.07
N ARG A 21 26.43 1.70 -3.39
CA ARG A 21 27.81 1.97 -2.96
C ARG A 21 27.81 2.66 -1.59
N MET A 22 28.79 2.28 -0.75
CA MET A 22 28.97 2.81 0.62
C MET A 22 30.44 2.68 1.04
N PRO A 23 31.43 3.29 0.34
CA PRO A 23 32.84 3.20 0.77
C PRO A 23 33.10 4.04 2.03
N GLN A 24 33.89 3.54 2.99
CA GLN A 24 34.15 4.28 4.19
C GLN A 24 35.36 3.68 4.90
N GLU A 25 35.83 4.37 5.95
CA GLU A 25 36.84 3.83 6.87
C GLU A 25 36.18 3.40 8.19
N ILE A 26 35.12 2.60 8.04
CA ILE A 26 34.21 2.11 9.09
C ILE A 26 33.31 3.26 9.60
N THR A 27 33.11 4.29 8.76
CA THR A 27 32.26 5.41 9.09
C THR A 27 32.75 5.98 10.42
N ASN A 28 33.83 6.77 10.39
CA ASN A 28 34.47 7.41 11.60
C ASN A 28 33.43 8.06 12.51
N LYS A 29 32.52 8.80 11.87
CA LYS A 29 31.52 9.60 12.54
C LYS A 29 30.77 8.79 13.63
N PHE A 35 26.10 8.01 19.15
CA PHE A 35 26.41 8.03 20.59
C PHE A 35 25.39 8.87 21.36
N SER A 36 24.86 9.89 20.71
CA SER A 36 23.94 10.82 21.28
C SER A 36 22.80 11.09 20.29
N ALA A 37 21.61 11.38 20.84
CA ALA A 37 20.37 11.47 20.09
C ALA A 37 20.51 12.51 18.97
N GLU A 38 21.12 13.64 19.29
CA GLU A 38 21.56 14.62 18.30
C GLU A 38 22.48 14.02 17.24
N GLU A 39 23.51 13.29 17.65
CA GLU A 39 24.54 12.77 16.77
C GLU A 39 23.94 11.71 15.82
N ASN A 40 23.14 10.87 16.45
CA ASN A 40 22.40 9.77 15.79
C ASN A 40 21.49 10.32 14.69
N PHE A 41 20.73 11.36 15.01
CA PHE A 41 19.94 12.10 14.06
C PHE A 41 20.78 12.58 12.84
N LEU A 42 21.97 13.15 13.12
CA LEU A 42 22.80 13.72 12.06
C LEU A 42 23.33 12.63 11.16
N ILE A 43 23.63 11.48 11.76
CA ILE A 43 24.13 10.35 11.02
C ILE A 43 23.05 9.83 10.07
N LEU A 44 21.84 9.64 10.59
CA LEU A 44 20.73 9.18 9.83
C LEU A 44 20.37 10.14 8.66
N THR A 45 20.33 11.44 8.96
CA THR A 45 20.14 12.48 7.93
C THR A 45 21.19 12.36 6.79
N GLU A 46 22.44 12.12 7.16
CA GLU A 46 23.49 11.97 6.17
C GLU A 46 23.36 10.68 5.36
N MET A 47 22.93 9.61 6.00
CA MET A 47 22.60 8.40 5.27
C MET A 47 21.39 8.54 4.32
N ALA A 48 20.30 9.13 4.79
CA ALA A 48 19.10 9.42 3.98
C ALA A 48 19.46 10.30 2.75
N THR A 49 20.18 11.39 2.97
CA THR A 49 20.55 12.27 1.88
C THR A 49 21.35 11.48 0.83
N ASN A 50 22.30 10.67 1.27
CA ASN A 50 23.11 9.90 0.39
C ASN A 50 22.29 8.86 -0.30
N HIS A 51 21.36 8.22 0.40
CA HIS A 51 20.55 7.25 -0.28
C HIS A 51 19.62 7.92 -1.31
N VAL A 52 19.17 9.17 -1.07
CA VAL A 52 18.44 9.97 -2.08
C VAL A 52 19.21 10.03 -3.44
N GLN A 53 20.51 10.34 -3.31
CA GLN A 53 21.47 10.43 -4.45
C GLN A 53 21.56 9.07 -5.11
N VAL A 54 21.71 8.01 -4.31
CA VAL A 54 21.80 6.66 -4.84
C VAL A 54 20.54 6.34 -5.68
N LEU A 55 19.39 6.70 -5.12
CA LEU A 55 18.09 6.43 -5.70
C LEU A 55 17.83 7.23 -7.00
N VAL A 56 18.24 8.49 -6.99
CA VAL A 56 18.13 9.32 -8.19
C VAL A 56 18.89 8.65 -9.34
N GLU A 57 20.11 8.16 -9.06
CA GLU A 57 20.91 7.42 -10.08
C GLU A 57 20.24 6.13 -10.57
N PHE A 58 19.76 5.35 -9.62
CA PHE A 58 18.98 4.15 -9.94
C PHE A 58 17.81 4.47 -10.86
N THR A 59 17.08 5.55 -10.67
CA THR A 59 15.96 5.92 -11.49
C THR A 59 16.29 6.24 -12.97
N LYS A 60 17.32 7.04 -13.26
CA LYS A 60 17.54 7.51 -14.64
C LYS A 60 17.76 6.36 -15.64
N LYS A 61 18.32 5.25 -15.15
CA LYS A 61 18.62 4.05 -15.88
C LYS A 61 17.46 3.06 -16.01
N LEU A 62 16.28 3.35 -15.46
CA LEU A 62 15.14 2.54 -15.70
C LEU A 62 14.53 2.77 -17.07
N PRO A 63 14.15 1.66 -17.74
CA PRO A 63 13.61 1.73 -19.09
C PRO A 63 12.48 2.72 -19.31
N GLY A 64 12.74 3.71 -20.17
CA GLY A 64 11.78 4.68 -20.56
C GLY A 64 11.66 5.83 -19.62
N PHE A 65 12.40 5.82 -18.51
CA PHE A 65 12.21 6.89 -17.53
C PHE A 65 12.46 8.31 -18.08
N GLN A 66 13.66 8.52 -18.64
CA GLN A 66 14.14 9.84 -19.05
C GLN A 66 13.28 10.48 -20.13
N THR A 67 12.66 9.62 -20.93
CA THR A 67 11.83 10.06 -22.00
C THR A 67 10.60 10.82 -21.42
N LEU A 68 9.91 10.20 -20.46
CA LEU A 68 8.60 10.67 -20.06
C LEU A 68 8.74 12.00 -19.34
N ASP A 69 7.58 12.62 -19.27
CA ASP A 69 7.38 14.06 -19.06
C ASP A 69 8.34 14.64 -18.00
N HIS A 70 8.96 15.78 -18.33
CA HIS A 70 9.98 16.45 -17.48
C HIS A 70 9.52 16.85 -16.08
N GLU A 71 8.27 17.31 -15.91
CA GLU A 71 7.71 17.56 -14.60
C GLU A 71 7.23 16.30 -13.85
N ASP A 72 6.39 15.46 -14.45
CA ASP A 72 5.91 14.29 -13.79
C ASP A 72 7.08 13.39 -13.43
N GLN A 73 8.22 13.53 -14.11
CA GLN A 73 9.46 12.85 -13.71
C GLN A 73 9.77 13.08 -12.24
N ILE A 74 9.72 14.36 -11.84
CA ILE A 74 10.07 14.76 -10.52
C ILE A 74 9.08 14.19 -9.50
N ALA A 75 7.80 14.28 -9.80
CA ALA A 75 6.74 13.78 -8.99
C ALA A 75 6.89 12.34 -8.44
N LEU A 76 7.25 11.38 -9.29
CA LEU A 76 7.48 10.01 -8.90
C LEU A 76 8.55 9.96 -7.80
N LEU A 77 9.62 10.73 -7.95
CA LEU A 77 10.71 10.60 -6.96
C LEU A 77 10.26 11.10 -5.59
N LYS A 78 9.49 12.18 -5.53
CA LYS A 78 9.01 12.66 -4.27
C LYS A 78 8.04 11.68 -3.64
N GLY A 79 7.15 11.14 -4.46
CA GLY A 79 6.18 10.21 -4.00
C GLY A 79 6.72 8.85 -3.60
N SER A 80 7.84 8.43 -4.18
CA SER A 80 8.34 7.07 -3.92
C SER A 80 9.57 6.97 -2.98
N ALA A 81 10.24 8.07 -2.70
CA ALA A 81 11.56 8.09 -2.07
C ALA A 81 11.47 7.50 -0.69
N VAL A 82 10.42 7.88 0.03
CA VAL A 82 10.14 7.28 1.34
C VAL A 82 10.12 5.74 1.27
N GLU A 83 9.31 5.20 0.35
CA GLU A 83 9.14 3.75 0.25
C GLU A 83 10.47 3.06 -0.09
N ALA A 84 11.23 3.66 -1.03
CA ALA A 84 12.55 3.14 -1.40
C ALA A 84 13.51 3.11 -0.22
N MET A 85 13.39 4.15 0.62
CA MET A 85 14.27 4.25 1.78
C MET A 85 13.91 3.24 2.86
N PHE A 86 12.61 3.00 3.07
CA PHE A 86 12.13 1.94 3.97
C PHE A 86 12.61 0.58 3.51
N LEU A 87 12.51 0.29 2.20
CA LEU A 87 12.95 -0.99 1.60
C LEU A 87 14.45 -1.16 1.82
N ARG A 88 15.18 -0.08 1.54
CA ARG A 88 16.62 -0.13 1.70
C ARG A 88 16.98 -0.38 3.18
N SER A 89 16.30 0.34 4.07
CA SER A 89 16.55 0.11 5.50
C SER A 89 16.22 -1.31 5.88
N ALA A 90 15.19 -1.91 5.29
CA ALA A 90 14.82 -3.27 5.62
C ALA A 90 15.96 -4.21 5.19
N GLU A 91 16.49 -3.96 4.00
CA GLU A 91 17.64 -4.73 3.49
C GLU A 91 18.83 -4.62 4.44
N ILE A 92 19.18 -3.37 4.82
CA ILE A 92 20.31 -3.09 5.75
C ILE A 92 20.17 -3.79 7.12
N PHE A 93 18.97 -3.73 7.66
CA PHE A 93 18.63 -4.13 9.00
C PHE A 93 18.69 -5.64 9.19
N ASN A 94 18.55 -6.37 8.06
CA ASN A 94 18.59 -7.86 7.99
C ASN A 94 19.90 -8.32 7.32
N LYS A 95 20.92 -8.42 8.16
CA LYS A 95 22.28 -8.75 7.80
C LYS A 95 23.06 -9.04 9.08
N LYS A 96 24.14 -9.80 8.92
CA LYS A 96 25.11 -10.04 9.98
C LYS A 96 26.50 -9.48 9.65
N LEU A 97 26.72 -9.26 8.35
CA LEU A 97 28.03 -9.19 7.68
C LEU A 97 29.17 -9.80 8.53
N SER A 102 24.19 -2.04 11.03
CA SER A 102 23.45 -3.26 10.63
C SER A 102 22.58 -3.79 11.77
N ASP A 103 23.27 -4.01 12.90
CA ASP A 103 22.66 -4.49 14.11
C ASP A 103 22.46 -3.33 15.08
N LEU A 104 23.43 -2.41 15.08
CA LEU A 104 23.33 -1.19 15.83
C LEU A 104 22.89 -0.01 14.92
N LEU A 105 22.42 -0.31 13.70
CA LEU A 105 21.51 0.64 12.97
C LEU A 105 20.25 0.97 13.80
N GLU A 106 19.65 -0.11 14.30
CA GLU A 106 18.56 -0.08 15.28
C GLU A 106 18.78 0.92 16.44
N GLU A 107 19.95 0.92 17.10
CA GLU A 107 20.14 1.82 18.21
C GLU A 107 20.00 3.27 17.74
N ARG A 108 20.50 3.62 16.56
CA ARG A 108 20.44 5.00 16.09
C ARG A 108 18.98 5.43 15.84
N ILE A 109 18.19 4.55 15.22
CA ILE A 109 16.77 4.86 14.92
C ILE A 109 16.02 5.00 16.26
N ARG A 110 16.36 4.17 17.26
CA ARG A 110 15.64 4.17 18.55
C ARG A 110 15.97 5.50 19.22
N ASN A 111 17.26 5.77 19.45
CA ASN A 111 17.65 7.07 20.01
C ASN A 111 17.88 8.15 18.97
N SER A 112 16.81 8.61 18.29
CA SER A 112 16.99 9.70 17.40
C SER A 112 15.89 10.75 17.58
N GLY A 113 15.04 10.50 18.57
CA GLY A 113 13.92 11.39 18.89
C GLY A 113 12.67 11.14 18.05
N ILE A 114 12.54 9.93 17.49
CA ILE A 114 11.34 9.51 16.76
C ILE A 114 10.23 9.33 17.77
N SER A 115 9.18 10.13 17.59
CA SER A 115 7.97 9.99 18.37
C SER A 115 7.57 8.50 18.53
N ASP A 116 7.09 8.09 19.73
CA ASP A 116 7.23 6.67 20.08
C ASP A 116 6.38 5.76 19.21
N GLU A 117 5.33 6.31 18.59
CA GLU A 117 4.37 5.49 17.87
C GLU A 117 5.00 4.84 16.64
N TYR A 118 6.00 5.51 16.04
CA TYR A 118 6.52 5.12 14.70
C TYR A 118 7.57 4.01 14.79
N ILE A 119 8.13 3.82 15.99
CA ILE A 119 9.07 2.75 16.34
C ILE A 119 8.54 1.34 15.95
N THR A 120 7.49 0.97 16.68
CA THR A 120 7.06 -0.44 16.68
C THR A 120 6.58 -0.89 15.32
N PRO A 121 5.68 -0.14 14.66
CA PRO A 121 5.32 -0.51 13.31
C PRO A 121 6.57 -0.61 12.43
N MET A 122 7.50 0.36 12.56
CA MET A 122 8.66 0.40 11.65
C MET A 122 9.46 -0.90 11.72
N PHE A 123 9.88 -1.26 12.96
CA PHE A 123 10.64 -2.51 13.21
C PHE A 123 9.83 -3.76 12.93
N SER A 124 8.51 -3.67 13.07
CA SER A 124 7.66 -4.80 12.66
C SER A 124 7.68 -5.00 11.12
N PHE A 125 7.56 -3.92 10.35
CA PHE A 125 7.69 -4.00 8.87
C PHE A 125 9.05 -4.59 8.50
N TYR A 126 10.12 -4.13 9.16
CA TYR A 126 11.49 -4.65 8.86
C TYR A 126 11.55 -6.16 9.05
N LYS A 127 10.94 -6.62 10.12
CA LYS A 127 10.80 -8.06 10.35
C LYS A 127 9.98 -8.75 9.28
N SER A 128 8.81 -8.25 8.88
CA SER A 128 8.06 -8.91 7.77
C SER A 128 8.90 -8.97 6.47
N ILE A 129 9.69 -7.94 6.20
CA ILE A 129 10.58 -7.97 5.02
C ILE A 129 11.63 -9.09 5.15
N GLY A 130 12.28 -9.20 6.31
CA GLY A 130 13.32 -10.19 6.57
C GLY A 130 12.83 -11.58 6.90
N GLU A 131 11.55 -11.87 6.70
CA GLU A 131 10.95 -13.17 6.57
C GLU A 131 10.62 -13.55 5.15
N LEU A 132 10.90 -12.68 4.20
CA LEU A 132 10.53 -12.91 2.82
C LEU A 132 11.71 -13.37 1.92
N LYS A 133 12.96 -13.34 2.43
CA LYS A 133 14.14 -13.98 1.79
C LYS A 133 14.25 -13.54 0.35
N MET A 134 14.48 -12.24 0.23
CA MET A 134 14.32 -11.45 -1.02
C MET A 134 15.40 -11.60 -2.12
N THR A 135 16.69 -11.46 -1.85
CA THR A 135 17.67 -11.56 -2.88
C THR A 135 17.77 -10.22 -3.58
N GLN A 136 18.98 -9.88 -4.06
CA GLN A 136 19.21 -8.60 -4.74
C GLN A 136 18.14 -8.39 -5.83
N GLU A 137 18.10 -9.31 -6.79
CA GLU A 137 17.24 -9.10 -7.95
C GLU A 137 15.85 -8.64 -7.44
N GLU A 138 15.36 -9.29 -6.37
CA GLU A 138 14.02 -8.98 -5.84
C GLU A 138 13.99 -7.58 -5.22
N TYR A 139 15.00 -7.22 -4.44
CA TYR A 139 15.08 -5.88 -3.93
C TYR A 139 15.10 -4.86 -5.07
N ALA A 140 15.93 -5.07 -6.08
CA ALA A 140 16.12 -4.14 -7.20
C ALA A 140 14.83 -3.93 -7.97
N LEU A 141 14.24 -5.04 -8.39
CA LEU A 141 13.02 -5.01 -9.11
C LEU A 141 11.89 -4.39 -8.28
N LEU A 142 11.72 -4.83 -7.00
CA LEU A 142 10.63 -4.30 -6.18
C LEU A 142 10.81 -2.78 -6.01
N THR A 143 12.06 -2.35 -5.83
CA THR A 143 12.33 -0.90 -5.71
C THR A 143 11.93 -0.18 -6.99
N ALA A 144 12.24 -0.77 -8.13
CA ALA A 144 11.89 -0.17 -9.42
C ALA A 144 10.37 -0.11 -9.58
N ILE A 145 9.68 -1.15 -9.12
CA ILE A 145 8.22 -1.19 -9.16
C ILE A 145 7.62 -0.08 -8.30
N VAL A 146 8.12 0.09 -7.08
CA VAL A 146 7.71 1.18 -6.19
C VAL A 146 7.87 2.57 -6.82
N ILE A 147 9.05 2.83 -7.41
CA ILE A 147 9.36 4.11 -8.08
C ILE A 147 8.38 4.37 -9.22
N LEU A 148 8.13 3.37 -10.08
CA LEU A 148 7.23 3.55 -11.23
C LEU A 148 5.80 3.20 -10.86
N SER A 149 5.27 3.75 -9.79
CA SER A 149 3.91 3.59 -9.42
C SER A 149 3.10 4.74 -10.04
N PRO A 150 2.08 4.45 -10.88
CA PRO A 150 1.29 5.51 -11.53
C PRO A 150 0.28 6.33 -10.70
N ASP A 151 0.07 5.96 -9.44
CA ASP A 151 -1.05 6.44 -8.63
C ASP A 151 -0.56 7.31 -7.46
N ARG A 152 0.35 8.22 -7.82
CA ARG A 152 0.93 9.19 -6.95
C ARG A 152 0.36 10.58 -7.28
N GLN A 153 0.44 11.45 -6.28
CA GLN A 153 -0.04 12.83 -6.38
C GLN A 153 0.65 13.60 -7.50
N TYR A 154 -0.16 14.39 -8.21
CA TYR A 154 0.29 15.32 -9.24
C TYR A 154 0.95 14.60 -10.44
N ILE A 155 0.14 14.06 -11.37
CA ILE A 155 0.58 13.33 -12.55
C ILE A 155 -0.51 13.51 -13.64
N LYS A 156 -0.08 13.63 -14.89
CA LYS A 156 -0.99 13.67 -16.06
C LYS A 156 -0.75 12.45 -16.94
N ASP A 157 0.47 11.89 -16.96
CA ASP A 157 0.85 10.89 -17.94
C ASP A 157 0.86 9.51 -17.30
N ARG A 158 -0.31 9.07 -16.80
CA ARG A 158 -0.38 7.88 -15.94
C ARG A 158 -0.23 6.58 -16.73
N GLU A 159 -1.09 6.44 -17.75
CA GLU A 159 -1.12 5.33 -18.66
C GLU A 159 0.28 4.98 -19.19
N ALA A 160 1.09 6.00 -19.48
CA ALA A 160 2.46 5.88 -19.88
C ALA A 160 3.36 5.25 -18.78
N VAL A 161 3.18 5.71 -17.53
CA VAL A 161 3.95 5.10 -16.37
C VAL A 161 3.60 3.61 -16.30
N GLU A 162 2.28 3.36 -16.40
CA GLU A 162 1.69 2.04 -16.29
C GLU A 162 2.32 1.04 -17.26
N LYS A 163 2.67 1.50 -18.46
CA LYS A 163 3.31 0.66 -19.48
C LYS A 163 4.77 0.35 -19.21
N LEU A 164 5.46 1.26 -18.53
CA LEU A 164 6.85 0.99 -18.20
C LEU A 164 6.92 -0.05 -17.06
N GLN A 165 5.93 0.03 -16.19
CA GLN A 165 5.84 -0.86 -15.01
C GLN A 165 5.59 -2.31 -15.40
N GLU A 166 4.68 -2.52 -16.35
CA GLU A 166 4.14 -3.84 -16.72
C GLU A 166 5.17 -4.96 -16.82
N PRO A 167 6.20 -4.80 -17.69
CA PRO A 167 7.13 -5.86 -17.97
C PRO A 167 7.97 -6.14 -16.72
N LEU A 168 8.16 -5.16 -15.84
CA LEU A 168 8.82 -5.46 -14.54
C LEU A 168 8.09 -6.49 -13.67
N LEU A 169 6.75 -6.45 -13.60
CA LEU A 169 5.90 -7.42 -12.95
C LEU A 169 6.09 -8.83 -13.53
N ASP A 170 6.10 -8.90 -14.86
CA ASP A 170 6.34 -10.16 -15.61
C ASP A 170 7.68 -10.78 -15.24
N VAL A 171 8.74 -9.98 -15.27
CA VAL A 171 10.05 -10.45 -14.87
C VAL A 171 10.06 -10.89 -13.39
N LEU A 172 9.51 -10.04 -12.52
CA LEU A 172 9.44 -10.40 -11.10
C LEU A 172 8.68 -11.70 -10.83
N GLN A 173 7.54 -11.89 -11.49
CA GLN A 173 6.76 -13.12 -11.35
C GLN A 173 7.60 -14.38 -11.72
N LYS A 174 8.25 -14.38 -12.90
CA LYS A 174 9.14 -15.54 -13.30
C LYS A 174 10.30 -15.71 -12.33
N LEU A 175 10.89 -14.62 -11.89
CA LEU A 175 11.99 -14.75 -10.96
C LEU A 175 11.60 -15.41 -9.61
N CYS A 176 10.42 -15.08 -9.06
CA CYS A 176 9.92 -15.61 -7.81
C CYS A 176 9.42 -17.06 -8.00
N LYS A 177 9.12 -17.49 -9.22
CA LYS A 177 8.85 -18.94 -9.41
C LYS A 177 10.18 -19.70 -9.42
N ILE A 178 11.13 -19.21 -10.20
CA ILE A 178 12.48 -19.80 -10.34
C ILE A 178 13.20 -19.88 -8.98
N HIS A 179 13.24 -18.78 -8.24
CA HIS A 179 14.07 -18.72 -6.99
C HIS A 179 13.34 -19.33 -5.77
N GLN A 180 12.03 -19.12 -5.66
CA GLN A 180 11.23 -19.49 -4.48
C GLN A 180 10.00 -20.24 -4.99
N PRO A 181 10.22 -21.45 -5.55
CA PRO A 181 9.07 -22.24 -6.01
C PRO A 181 8.29 -22.88 -4.85
N GLU A 182 8.99 -23.11 -3.73
CA GLU A 182 8.49 -23.81 -2.55
C GLU A 182 7.37 -23.00 -1.86
N ASN A 183 7.54 -21.66 -1.74
CA ASN A 183 6.47 -20.74 -1.33
C ASN A 183 5.89 -20.18 -2.59
N PRO A 184 4.82 -20.79 -3.11
CA PRO A 184 4.45 -20.43 -4.46
C PRO A 184 4.01 -18.96 -4.65
N GLN A 185 3.33 -18.42 -3.63
CA GLN A 185 2.77 -17.08 -3.65
C GLN A 185 3.79 -16.03 -3.18
N HIS A 186 5.06 -16.41 -3.00
CA HIS A 186 6.09 -15.44 -2.73
C HIS A 186 6.00 -14.25 -3.71
N PHE A 187 5.51 -14.46 -4.94
CA PHE A 187 5.41 -13.34 -5.94
C PHE A 187 4.48 -12.22 -5.42
N ALA A 188 3.26 -12.65 -5.03
CA ALA A 188 2.15 -11.84 -4.61
C ALA A 188 2.44 -11.29 -3.23
N GLU A 189 3.22 -12.00 -2.41
CA GLU A 189 3.48 -11.52 -1.07
C GLU A 189 4.28 -10.21 -1.10
N LEU A 190 5.25 -10.11 -2.02
CA LEU A 190 5.97 -8.86 -2.22
C LEU A 190 5.02 -7.72 -2.56
N LEU A 191 4.02 -7.96 -3.42
CA LEU A 191 3.05 -6.95 -3.74
C LEU A 191 2.29 -6.46 -2.50
N GLY A 192 1.98 -7.37 -1.57
CA GLY A 192 1.42 -7.01 -0.33
C GLY A 192 2.29 -6.21 0.63
N ARG A 193 3.59 -6.15 0.40
CA ARG A 193 4.47 -5.23 1.10
C ARG A 193 4.33 -3.84 0.47
N LEU A 194 4.01 -3.78 -0.83
CA LEU A 194 3.72 -2.48 -1.48
C LEU A 194 2.59 -1.73 -0.77
N THR A 195 1.53 -2.47 -0.45
CA THR A 195 0.33 -1.96 0.20
C THR A 195 0.70 -1.34 1.53
N GLU A 196 1.50 -2.11 2.25
CA GLU A 196 1.91 -1.78 3.57
C GLU A 196 2.87 -0.58 3.55
N LEU A 197 3.72 -0.51 2.53
CA LEU A 197 4.57 0.74 2.37
C LEU A 197 3.72 2.03 2.33
N ARG A 198 2.49 1.92 1.82
CA ARG A 198 1.66 3.12 1.68
C ARG A 198 1.32 3.72 3.05
N THR A 199 1.21 2.89 4.10
CA THR A 199 0.93 3.39 5.46
C THR A 199 2.10 4.28 5.98
N PHE A 200 3.34 3.95 5.58
CA PHE A 200 4.51 4.70 5.99
C PHE A 200 4.60 6.00 5.21
N ASN A 201 4.11 6.00 3.98
CA ASN A 201 4.26 7.16 3.10
C ASN A 201 3.27 8.25 3.54
N HIS A 202 2.17 7.78 4.12
CA HIS A 202 1.08 8.62 4.59
C HIS A 202 1.45 9.29 5.91
N HIS A 203 2.23 8.58 6.74
CA HIS A 203 2.50 9.03 8.05
C HIS A 203 3.76 9.88 8.07
N HIS A 204 4.52 9.96 6.97
CA HIS A 204 5.91 10.39 7.07
C HIS A 204 6.04 11.90 7.39
N ALA A 205 5.19 12.71 6.74
CA ALA A 205 5.11 14.18 6.90
C ALA A 205 4.97 14.49 8.37
N GLU A 206 4.16 13.70 9.06
CA GLU A 206 4.02 13.78 10.50
C GLU A 206 5.26 13.28 11.27
N MET A 207 5.65 12.03 11.12
CA MET A 207 6.90 11.54 11.71
C MET A 207 8.01 12.60 11.67
N LEU A 208 8.19 13.25 10.52
CA LEU A 208 9.22 14.26 10.40
C LEU A 208 8.91 15.46 11.30
N MET A 209 7.64 15.88 11.20
CA MET A 209 7.18 17.03 11.97
C MET A 209 7.25 16.69 13.47
N SER A 210 6.80 15.50 13.86
CA SER A 210 6.91 15.06 15.27
C SER A 210 8.28 14.40 15.49
N TRP A 211 9.33 15.16 15.18
CA TRP A 211 10.68 14.69 15.34
C TRP A 211 11.46 15.67 16.23
N ARG A 212 11.93 15.14 17.37
CA ARG A 212 12.61 15.92 18.39
C ARG A 212 14.11 16.00 18.04
N VAL A 213 14.60 17.20 17.70
CA VAL A 213 15.96 17.38 17.20
C VAL A 213 16.70 18.41 18.08
N ASN A 214 17.76 19.01 17.55
CA ASN A 214 18.56 20.06 18.22
C ASN A 214 18.42 21.40 17.46
N ASP A 215 17.18 21.89 17.34
CA ASP A 215 16.88 23.14 16.68
C ASP A 215 17.62 23.22 15.34
N HIS A 216 17.28 22.29 14.44
CA HIS A 216 17.83 22.25 13.12
C HIS A 216 16.69 21.90 12.16
N LYS A 217 17.03 21.33 11.02
CA LYS A 217 16.11 21.00 9.93
C LYS A 217 16.75 19.96 9.02
N PHE A 218 15.88 19.25 8.31
CA PHE A 218 16.33 18.26 7.32
C PHE A 218 17.10 18.97 6.20
N THR A 219 18.35 18.52 6.06
CA THR A 219 19.27 19.12 5.07
C THR A 219 18.61 19.42 3.72
N PRO A 220 18.88 20.63 3.13
CA PRO A 220 18.05 21.14 2.06
C PRO A 220 17.40 20.20 1.04
N LEU A 221 18.09 19.15 0.59
CA LEU A 221 17.49 18.22 -0.35
C LEU A 221 16.26 17.52 0.28
N LEU A 222 16.37 17.09 1.55
CA LEU A 222 15.24 16.39 2.19
C LEU A 222 14.08 17.36 2.43
N GLU A 223 14.41 18.62 2.71
CA GLU A 223 13.38 19.63 2.92
C GLU A 223 12.56 19.86 1.64
N GLU A 224 13.23 19.79 0.50
CA GLU A 224 12.57 19.88 -0.76
C GLU A 224 11.75 18.66 -1.09
N ILE A 225 12.37 17.47 -1.05
CA ILE A 225 11.68 16.27 -1.50
C ILE A 225 10.42 16.05 -0.65
N TRP A 226 10.47 16.48 0.61
CA TRP A 226 9.29 16.26 1.46
C TRP A 226 8.62 17.58 1.87
N ASP A 227 9.11 18.70 1.31
CA ASP A 227 8.51 20.06 1.51
C ASP A 227 8.71 20.62 2.92
N VAL A 228 8.51 21.94 3.04
CA VAL A 228 8.58 22.74 4.28
C VAL A 228 9.63 22.14 5.23
N LYS B 4 14.40 23.54 -5.45
CA LYS B 4 15.45 24.32 -6.19
C LYS B 4 16.44 23.38 -6.93
N ILE B 5 16.61 22.14 -6.44
CA ILE B 5 17.56 21.15 -7.00
C ILE B 5 16.80 20.21 -7.94
N LEU B 6 15.54 20.58 -8.25
CA LEU B 6 14.58 19.74 -8.95
C LEU B 6 15.23 19.21 -10.24
N HIS B 7 15.47 20.13 -11.18
CA HIS B 7 15.93 19.83 -12.55
C HIS B 7 17.46 19.64 -12.57
N ARG B 8 18.12 19.85 -11.42
CA ARG B 8 19.59 19.81 -11.31
C ARG B 8 20.06 18.37 -11.08
N LEU B 9 19.13 17.42 -10.98
CA LEU B 9 19.45 16.01 -10.75
C LEU B 9 19.22 15.16 -12.01
N LEU B 10 18.60 15.72 -13.05
CA LEU B 10 18.45 15.04 -14.33
C LEU B 10 19.62 15.41 -15.27
N GLN B 11 20.51 16.30 -14.81
CA GLN B 11 21.66 16.79 -15.60
C GLN B 11 22.97 16.49 -14.84
N GLU C 4 -8.91 -26.71 -3.52
CA GLU C 4 -8.60 -25.50 -2.69
C GLU C 4 -9.34 -25.61 -1.34
N ASP C 5 -8.74 -25.05 -0.29
CA ASP C 5 -9.48 -24.91 1.01
C ASP C 5 -10.25 -23.56 1.08
N MET C 6 -9.82 -22.56 0.30
CA MET C 6 -10.50 -21.27 0.18
C MET C 6 -11.14 -21.25 -1.19
N PRO C 7 -12.28 -21.92 -1.36
CA PRO C 7 -12.90 -21.92 -2.68
C PRO C 7 -13.46 -20.54 -3.02
N VAL C 8 -13.31 -20.17 -4.29
CA VAL C 8 -13.81 -18.88 -4.73
C VAL C 8 -15.33 -18.83 -4.89
N GLU C 9 -16.04 -19.93 -4.69
CA GLU C 9 -17.46 -19.93 -4.94
C GLU C 9 -18.17 -19.35 -3.71
N ARG C 10 -17.59 -19.64 -2.55
CA ARG C 10 -18.18 -19.23 -1.28
C ARG C 10 -17.79 -17.76 -1.01
N ILE C 11 -16.64 -17.35 -1.56
CA ILE C 11 -16.26 -15.92 -1.65
C ILE C 11 -17.27 -15.17 -2.53
N LEU C 12 -17.49 -15.66 -3.75
CA LEU C 12 -18.47 -14.98 -4.57
C LEU C 12 -19.87 -15.02 -3.95
N GLU C 13 -20.26 -16.13 -3.31
CA GLU C 13 -21.59 -16.20 -2.72
C GLU C 13 -21.75 -15.09 -1.65
N ALA C 14 -20.72 -14.85 -0.85
CA ALA C 14 -20.71 -13.69 0.11
C ALA C 14 -20.99 -12.35 -0.58
N GLU C 15 -20.30 -12.08 -1.70
CA GLU C 15 -20.59 -10.87 -2.44
C GLU C 15 -22.06 -10.82 -2.86
N LEU C 16 -22.59 -11.92 -3.43
CA LEU C 16 -23.93 -11.96 -4.00
C LEU C 16 -24.98 -11.79 -2.89
N ALA C 17 -24.81 -12.54 -1.79
CA ALA C 17 -25.65 -12.43 -0.59
C ALA C 17 -25.91 -10.99 -0.13
N VAL C 18 -24.91 -10.12 -0.23
CA VAL C 18 -25.00 -8.75 0.26
C VAL C 18 -25.22 -7.72 -0.87
N ASP C 39 -26.35 17.44 1.99
CA ASP C 39 -24.91 17.17 2.02
C ASP C 39 -24.57 15.75 1.53
N PRO C 40 -23.56 15.60 0.65
CA PRO C 40 -23.07 14.28 0.27
C PRO C 40 -22.16 13.59 1.32
N VAL C 41 -21.41 14.33 2.15
CA VAL C 41 -20.67 13.72 3.18
C VAL C 41 -21.61 13.07 4.21
N THR C 42 -22.70 13.73 4.56
CA THR C 42 -23.73 13.12 5.36
C THR C 42 -24.32 11.87 4.71
N ASN C 43 -24.69 11.92 3.43
CA ASN C 43 -25.26 10.73 2.79
C ASN C 43 -24.29 9.53 2.76
N ILE C 44 -23.03 9.84 2.46
CA ILE C 44 -21.97 8.84 2.39
C ILE C 44 -21.76 8.19 3.75
N CYS C 45 -21.64 9.01 4.78
CA CYS C 45 -21.55 8.52 6.15
C CYS C 45 -22.74 7.63 6.56
N GLN C 46 -23.94 8.00 6.13
CA GLN C 46 -25.14 7.24 6.41
C GLN C 46 -25.08 5.87 5.71
N ALA C 47 -24.63 5.87 4.47
CA ALA C 47 -24.51 4.63 3.74
C ALA C 47 -23.41 3.73 4.34
N ALA C 48 -22.34 4.33 4.87
CA ALA C 48 -21.23 3.63 5.47
C ALA C 48 -21.73 2.90 6.72
N ASP C 49 -22.45 3.63 7.56
CA ASP C 49 -23.06 3.03 8.77
C ASP C 49 -23.94 1.84 8.41
N LYS C 50 -24.84 2.00 7.44
CA LYS C 50 -25.65 0.90 6.94
C LYS C 50 -24.81 -0.30 6.48
N GLN C 51 -23.78 -0.04 5.67
CA GLN C 51 -23.02 -1.12 5.12
C GLN C 51 -22.07 -1.75 6.15
N LEU C 52 -21.76 -1.07 7.25
CA LEU C 52 -20.99 -1.66 8.29
C LEU C 52 -21.71 -2.90 8.85
N PHE C 53 -23.04 -2.83 9.02
CA PHE C 53 -23.82 -3.99 9.49
C PHE C 53 -23.73 -5.12 8.49
N THR C 54 -23.87 -4.80 7.21
CA THR C 54 -23.82 -5.84 6.21
C THR C 54 -22.39 -6.37 6.00
N LEU C 55 -21.37 -5.55 6.26
CA LEU C 55 -19.97 -5.97 6.18
C LEU C 55 -19.64 -7.11 7.13
N VAL C 56 -20.09 -7.03 8.37
CA VAL C 56 -19.88 -8.07 9.34
C VAL C 56 -20.51 -9.37 8.82
N GLU C 57 -21.74 -9.28 8.29
CA GLU C 57 -22.42 -10.49 7.72
C GLU C 57 -21.61 -11.08 6.55
N TRP C 58 -21.05 -10.19 5.72
CA TRP C 58 -20.17 -10.65 4.61
C TRP C 58 -18.97 -11.43 5.14
N ALA C 59 -18.29 -10.86 6.12
CA ALA C 59 -17.07 -11.47 6.63
C ALA C 59 -17.34 -12.86 7.24
N LYS C 60 -18.43 -12.97 8.02
CA LYS C 60 -18.86 -14.29 8.57
C LYS C 60 -19.01 -15.34 7.46
N ARG C 61 -19.43 -14.93 6.27
CA ARG C 61 -19.59 -15.84 5.15
C ARG C 61 -18.31 -16.20 4.41
N ILE C 62 -17.20 -15.56 4.74
CA ILE C 62 -15.95 -15.88 4.10
C ILE C 62 -15.33 -17.11 4.76
N PRO C 63 -15.00 -18.13 3.94
CA PRO C 63 -14.43 -19.34 4.50
C PRO C 63 -13.34 -19.02 5.53
N HIS C 64 -13.49 -19.59 6.74
CA HIS C 64 -12.45 -19.68 7.72
C HIS C 64 -12.31 -18.40 8.57
N PHE C 65 -12.99 -17.30 8.25
CA PHE C 65 -12.81 -16.09 9.02
C PHE C 65 -13.52 -16.36 10.34
N SER C 66 -14.80 -16.74 10.30
CA SER C 66 -15.60 -16.96 11.53
C SER C 66 -14.91 -17.96 12.49
N GLU C 67 -13.94 -18.74 11.99
CA GLU C 67 -13.17 -19.74 12.79
C GLU C 67 -12.10 -19.11 13.66
N LEU C 68 -11.75 -17.86 13.39
CA LEU C 68 -10.64 -17.22 14.10
C LEU C 68 -11.14 -16.78 15.46
N PRO C 69 -10.24 -16.56 16.42
CA PRO C 69 -10.65 -15.99 17.70
C PRO C 69 -11.34 -14.63 17.51
N LEU C 70 -12.32 -14.41 18.38
CA LEU C 70 -13.21 -13.30 18.24
C LEU C 70 -12.40 -12.00 18.24
N ASP C 71 -11.39 -11.95 19.12
CA ASP C 71 -10.64 -10.76 19.27
C ASP C 71 -9.95 -10.40 17.94
N ASP C 72 -9.54 -11.45 17.20
CA ASP C 72 -8.82 -11.31 15.95
C ASP C 72 -9.79 -10.85 14.84
N GLN C 73 -11.00 -11.46 14.82
CA GLN C 73 -12.10 -11.07 13.94
C GLN C 73 -12.35 -9.58 14.10
N VAL C 74 -12.44 -9.17 15.35
CA VAL C 74 -12.63 -7.76 15.67
C VAL C 74 -11.51 -6.88 15.12
N ILE C 75 -10.27 -7.25 15.42
CA ILE C 75 -9.09 -6.59 14.88
C ILE C 75 -9.09 -6.51 13.35
N LEU C 76 -9.40 -7.61 12.65
CA LEU C 76 -9.34 -7.59 11.19
C LEU C 76 -10.36 -6.61 10.59
N LEU C 77 -11.55 -6.51 11.19
CA LEU C 77 -12.60 -5.70 10.63
C LEU C 77 -12.39 -4.23 10.97
N ARG C 78 -11.83 -3.96 12.14
CA ARG C 78 -11.53 -2.63 12.52
C ARG C 78 -10.37 -2.05 11.70
N ALA C 79 -9.45 -2.92 11.30
CA ALA C 79 -8.39 -2.51 10.44
C ALA C 79 -8.80 -2.32 8.98
N GLY C 80 -9.70 -3.15 8.45
CA GLY C 80 -9.99 -3.16 7.03
C GLY C 80 -11.28 -2.48 6.59
N TRP C 81 -12.18 -2.14 7.51
CA TRP C 81 -13.56 -1.76 7.15
C TRP C 81 -13.64 -0.66 6.08
N ASN C 82 -12.83 0.38 6.24
CA ASN C 82 -12.88 1.52 5.32
C ASN C 82 -12.48 1.09 3.89
N GLU C 83 -11.41 0.31 3.77
CA GLU C 83 -11.02 -0.20 2.47
C GLU C 83 -12.04 -1.19 1.89
N LEU C 84 -12.55 -2.08 2.73
CA LEU C 84 -13.51 -3.07 2.27
C LEU C 84 -14.76 -2.39 1.73
N LEU C 85 -15.21 -1.34 2.40
CA LEU C 85 -16.40 -0.64 1.94
C LEU C 85 -16.13 0.19 0.67
N ILE C 86 -14.98 0.89 0.63
CA ILE C 86 -14.62 1.69 -0.54
C ILE C 86 -14.54 0.79 -1.76
N ALA C 87 -13.95 -0.40 -1.61
CA ALA C 87 -13.89 -1.35 -2.73
C ALA C 87 -15.27 -1.74 -3.24
N SER C 88 -16.18 -2.06 -2.32
CA SER C 88 -17.59 -2.45 -2.70
C SER C 88 -18.33 -1.35 -3.49
N PHE C 89 -18.37 -0.11 -2.97
CA PHE C 89 -19.09 0.98 -3.68
C PHE C 89 -18.40 1.40 -5.01
N SER C 90 -17.07 1.34 -5.03
CA SER C 90 -16.33 1.60 -6.25
C SER C 90 -16.75 0.62 -7.33
N HIS C 91 -16.74 -0.68 -7.02
CA HIS C 91 -17.18 -1.66 -8.00
C HIS C 91 -18.64 -1.40 -8.47
N ARG C 92 -19.56 -1.20 -7.51
CA ARG C 92 -20.96 -0.89 -7.73
C ARG C 92 -21.12 0.35 -8.59
N SER C 93 -20.12 1.20 -8.70
CA SER C 93 -20.31 2.47 -9.38
C SER C 93 -19.73 2.56 -10.80
N ILE C 94 -19.26 1.44 -11.35
CA ILE C 94 -18.71 1.30 -12.68
C ILE C 94 -19.65 1.89 -13.75
N ALA C 95 -20.94 1.62 -13.52
CA ALA C 95 -22.06 1.98 -14.41
C ALA C 95 -22.25 3.50 -14.54
N VAL C 96 -22.07 4.24 -13.42
CA VAL C 96 -22.45 5.65 -13.45
C VAL C 96 -21.29 6.52 -13.99
N LYS C 97 -21.71 7.70 -14.48
CA LYS C 97 -20.84 8.66 -15.17
C LYS C 97 -20.43 9.72 -14.15
N ASP C 98 -19.10 9.91 -14.01
CA ASP C 98 -18.49 10.72 -12.96
C ASP C 98 -19.27 10.66 -11.65
N GLY C 99 -19.17 9.58 -10.86
CA GLY C 99 -19.89 9.57 -9.63
C GLY C 99 -19.94 8.22 -8.97
N ILE C 100 -20.72 8.15 -7.91
CA ILE C 100 -20.70 7.00 -7.04
C ILE C 100 -22.16 6.69 -6.68
N LEU C 101 -22.50 5.41 -6.85
CA LEU C 101 -23.75 4.88 -6.37
C LEU C 101 -23.62 4.40 -4.91
N LEU C 102 -24.23 5.14 -3.99
CA LEU C 102 -24.31 4.66 -2.57
C LEU C 102 -25.31 3.50 -2.42
N ALA C 103 -25.16 2.83 -1.27
CA ALA C 103 -25.85 1.60 -0.99
C ALA C 103 -27.33 1.86 -0.70
N THR C 104 -27.65 3.09 -0.30
CA THR C 104 -29.02 3.50 -0.06
C THR C 104 -29.74 3.82 -1.38
N GLY C 105 -28.99 3.96 -2.47
CA GLY C 105 -29.57 4.18 -3.80
C GLY C 105 -29.35 5.59 -4.34
N LEU C 106 -29.00 6.52 -3.44
CA LEU C 106 -28.62 7.88 -3.82
C LEU C 106 -27.27 7.83 -4.59
N HIS C 107 -27.07 8.71 -5.59
CA HIS C 107 -25.80 8.86 -6.31
C HIS C 107 -25.09 10.03 -5.66
N VAL C 108 -23.77 10.07 -5.68
CA VAL C 108 -23.00 11.34 -5.43
C VAL C 108 -22.10 11.61 -6.64
N HIS C 109 -22.17 12.81 -7.22
CA HIS C 109 -21.42 13.10 -8.46
C HIS C 109 -20.36 14.16 -8.20
N ARG C 110 -19.30 14.13 -9.01
CA ARG C 110 -18.09 14.88 -8.77
C ARG C 110 -18.40 16.29 -8.34
N ASN C 111 -19.42 16.89 -8.95
CA ASN C 111 -19.83 18.24 -8.64
C ASN C 111 -20.32 18.39 -7.18
N SER C 112 -21.24 17.52 -6.71
CA SER C 112 -21.67 17.58 -5.29
C SER C 112 -20.42 17.43 -4.40
N ALA C 113 -19.53 16.51 -4.78
CA ALA C 113 -18.33 16.21 -4.04
C ALA C 113 -17.42 17.42 -3.84
N HIS C 114 -17.09 18.09 -4.95
CA HIS C 114 -16.26 19.29 -4.92
C HIS C 114 -16.94 20.44 -4.11
N SER C 115 -18.25 20.69 -4.32
CA SER C 115 -19.01 21.69 -3.57
C SER C 115 -19.09 21.33 -2.10
N ALA C 116 -18.65 20.16 -1.65
CA ALA C 116 -18.63 19.86 -0.24
C ALA C 116 -17.23 19.84 0.40
N GLY C 117 -16.21 20.28 -0.31
CA GLY C 117 -14.88 20.38 0.27
C GLY C 117 -14.07 19.08 0.23
N VAL C 118 -14.54 18.06 -0.48
CA VAL C 118 -13.94 16.66 -0.51
C VAL C 118 -13.72 16.17 -1.95
N GLY C 119 -13.39 17.12 -2.81
CA GLY C 119 -13.27 16.82 -4.24
C GLY C 119 -12.02 16.03 -4.54
N ALA C 120 -10.92 16.45 -3.92
CA ALA C 120 -9.63 15.80 -4.08
C ALA C 120 -9.74 14.28 -3.90
N ILE C 121 -10.39 13.81 -2.83
CA ILE C 121 -10.36 12.40 -2.45
C ILE C 121 -11.39 11.68 -3.30
N PHE C 122 -12.49 12.36 -3.53
CA PHE C 122 -13.48 11.85 -4.46
C PHE C 122 -12.91 11.61 -5.86
N ASP C 123 -11.99 12.48 -6.30
CA ASP C 123 -11.42 12.32 -7.64
C ASP C 123 -10.54 11.05 -7.71
N ARG C 124 -9.64 10.89 -6.75
CA ARG C 124 -8.83 9.63 -6.57
C ARG C 124 -9.65 8.34 -6.57
N VAL C 125 -10.81 8.36 -5.93
CA VAL C 125 -11.70 7.20 -5.92
C VAL C 125 -12.16 6.89 -7.34
N LEU C 126 -12.65 7.93 -8.02
CA LEU C 126 -13.11 7.75 -9.38
C LEU C 126 -12.02 7.23 -10.32
N THR C 127 -10.82 7.82 -10.23
CA THR C 127 -9.72 7.53 -11.19
C THR C 127 -8.91 6.28 -10.79
N GLU C 128 -8.45 6.17 -9.55
CA GLU C 128 -7.67 4.99 -9.10
C GLU C 128 -8.52 3.74 -8.82
N LEU C 129 -9.81 3.90 -8.61
CA LEU C 129 -10.63 2.71 -8.30
C LEU C 129 -11.75 2.45 -9.32
N VAL C 130 -12.76 3.34 -9.37
CA VAL C 130 -13.92 3.08 -10.22
C VAL C 130 -13.48 2.87 -11.70
N SER C 131 -12.70 3.81 -12.22
CA SER C 131 -12.25 3.77 -13.66
C SER C 131 -11.42 2.54 -14.00
N LYS C 132 -10.46 2.18 -13.15
CA LYS C 132 -9.63 1.01 -13.33
C LYS C 132 -10.43 -0.29 -13.21
N MET C 133 -11.38 -0.38 -12.26
CA MET C 133 -12.27 -1.51 -12.18
C MET C 133 -13.14 -1.65 -13.45
N ARG C 134 -13.60 -0.50 -13.95
CA ARG C 134 -14.41 -0.47 -15.17
C ARG C 134 -13.55 -0.86 -16.38
N ASP C 135 -12.39 -0.22 -16.58
CA ASP C 135 -11.50 -0.44 -17.76
C ASP C 135 -10.80 -1.81 -17.86
N MET C 136 -10.66 -2.51 -16.71
CA MET C 136 -10.24 -3.92 -16.72
C MET C 136 -11.41 -4.90 -16.62
N GLN C 137 -12.63 -4.39 -16.44
CA GLN C 137 -13.81 -5.17 -16.16
C GLN C 137 -13.61 -6.27 -15.09
N MET C 138 -13.25 -5.86 -13.88
CA MET C 138 -13.30 -6.68 -12.69
C MET C 138 -14.71 -7.24 -12.61
N ASP C 139 -14.81 -8.51 -12.21
CA ASP C 139 -16.07 -9.15 -11.91
C ASP C 139 -16.15 -9.34 -10.39
N LYS C 140 -17.26 -9.93 -9.93
CA LYS C 140 -17.60 -10.00 -8.52
C LYS C 140 -16.79 -11.04 -7.78
N THR C 141 -16.43 -12.12 -8.45
CA THR C 141 -15.52 -13.08 -7.87
C THR C 141 -14.19 -12.40 -7.53
N GLU C 142 -13.73 -11.57 -8.47
CA GLU C 142 -12.43 -10.91 -8.35
C GLU C 142 -12.46 -9.86 -7.24
N LEU C 143 -13.52 -9.07 -7.21
CA LEU C 143 -13.78 -8.15 -6.12
C LEU C 143 -13.82 -8.86 -4.76
N GLY C 144 -14.66 -9.89 -4.64
CA GLY C 144 -14.75 -10.65 -3.40
C GLY C 144 -13.43 -11.18 -2.94
N CYS C 145 -12.59 -11.65 -3.86
CA CYS C 145 -11.29 -12.18 -3.46
C CYS C 145 -10.36 -11.06 -2.95
N LEU C 146 -10.32 -9.94 -3.68
CA LEU C 146 -9.54 -8.81 -3.26
C LEU C 146 -9.97 -8.36 -1.86
N ARG C 147 -11.27 -8.33 -1.59
CA ARG C 147 -11.77 -7.91 -0.29
C ARG C 147 -11.36 -8.92 0.79
N ALA C 148 -11.40 -10.22 0.47
CA ALA C 148 -10.94 -11.22 1.42
C ALA C 148 -9.45 -11.06 1.73
N ILE C 149 -8.65 -10.66 0.75
CA ILE C 149 -7.20 -10.39 0.99
C ILE C 149 -7.08 -9.23 1.97
N VAL C 150 -7.88 -8.19 1.70
CA VAL C 150 -7.84 -7.06 2.60
C VAL C 150 -8.25 -7.52 4.01
N LEU C 151 -9.31 -8.32 4.10
CA LEU C 151 -9.81 -8.78 5.42
C LEU C 151 -8.71 -9.52 6.18
N PHE C 152 -8.05 -10.47 5.53
CA PHE C 152 -6.95 -11.28 6.10
C PHE C 152 -5.61 -10.54 5.99
N ASN C 153 -5.53 -9.45 6.74
CA ASN C 153 -4.37 -8.61 6.80
C ASN C 153 -3.55 -9.03 8.01
N PRO C 154 -2.43 -9.76 7.80
CA PRO C 154 -1.67 -10.31 8.90
C PRO C 154 -0.82 -9.26 9.63
N ASP C 155 -0.70 -8.06 9.05
CA ASP C 155 0.02 -6.94 9.64
C ASP C 155 -0.88 -6.14 10.59
N SER C 156 -2.08 -6.60 10.91
CA SER C 156 -2.91 -5.83 11.81
C SER C 156 -2.33 -5.91 13.22
N LYS C 157 -2.17 -4.77 13.88
CA LYS C 157 -1.64 -4.70 15.23
C LYS C 157 -2.51 -5.51 16.21
N GLY C 158 -1.90 -6.40 17.03
CA GLY C 158 -2.60 -7.08 18.12
C GLY C 158 -3.24 -8.41 17.78
N LEU C 159 -3.04 -8.94 16.56
CA LEU C 159 -3.57 -10.27 16.25
C LEU C 159 -2.97 -11.30 17.19
N SER C 160 -3.80 -12.19 17.74
CA SER C 160 -3.37 -13.30 18.56
C SER C 160 -2.44 -14.22 17.81
N ASN C 161 -2.76 -14.53 16.54
CA ASN C 161 -1.89 -15.38 15.75
C ASN C 161 -1.75 -14.84 14.32
N PRO C 162 -0.81 -13.90 14.13
CA PRO C 162 -0.53 -13.39 12.79
C PRO C 162 -0.34 -14.44 11.69
N ALA C 163 0.16 -15.63 12.06
CA ALA C 163 0.60 -16.66 11.15
C ALA C 163 -0.59 -17.28 10.41
N GLU C 164 -1.66 -17.51 11.16
CA GLU C 164 -2.81 -18.16 10.54
C GLU C 164 -3.63 -17.16 9.68
N VAL C 165 -3.56 -15.86 10.00
CA VAL C 165 -4.22 -14.85 9.12
C VAL C 165 -3.38 -14.80 7.82
N GLU C 166 -2.05 -14.76 7.95
CA GLU C 166 -1.11 -14.85 6.79
C GLU C 166 -1.43 -16.07 5.95
N ALA C 167 -1.70 -17.20 6.65
CA ALA C 167 -1.98 -18.44 5.94
C ALA C 167 -3.29 -18.39 5.15
N LEU C 168 -4.30 -17.78 5.78
CA LEU C 168 -5.56 -17.57 5.07
C LEU C 168 -5.45 -16.59 3.87
N ARG C 169 -4.69 -15.50 4.02
CA ARG C 169 -4.37 -14.60 2.89
C ARG C 169 -3.73 -15.41 1.76
N GLU C 170 -2.69 -16.18 2.11
CA GLU C 170 -2.02 -17.04 1.12
C GLU C 170 -3.01 -17.95 0.40
N LYS C 171 -4.01 -18.45 1.12
CA LYS C 171 -5.08 -19.25 0.44
C LYS C 171 -5.91 -18.43 -0.54
N VAL C 172 -6.23 -17.19 -0.19
CA VAL C 172 -6.94 -16.37 -1.15
C VAL C 172 -6.07 -16.08 -2.39
N TYR C 173 -4.80 -15.78 -2.13
CA TYR C 173 -3.90 -15.49 -3.22
C TYR C 173 -3.87 -16.66 -4.20
N ALA C 174 -3.70 -17.89 -3.65
CA ALA C 174 -3.66 -19.11 -4.49
C ALA C 174 -4.99 -19.32 -5.24
N SER C 175 -6.11 -19.15 -4.54
CA SER C 175 -7.44 -19.35 -5.21
C SER C 175 -7.70 -18.27 -6.26
N LEU C 176 -7.32 -17.04 -5.98
CA LEU C 176 -7.51 -15.97 -6.97
C LEU C 176 -6.62 -16.23 -8.19
N GLU C 177 -5.37 -16.64 -7.98
CA GLU C 177 -4.48 -16.80 -9.11
C GLU C 177 -5.06 -17.89 -10.05
N ALA C 178 -5.47 -19.02 -9.48
CA ALA C 178 -6.08 -20.07 -10.27
C ALA C 178 -7.45 -19.70 -10.84
N TYR C 179 -8.16 -18.70 -10.36
CA TYR C 179 -9.35 -18.24 -11.02
C TYR C 179 -8.98 -17.45 -12.26
N CYS C 180 -8.00 -16.58 -12.13
CA CYS C 180 -7.57 -15.72 -13.26
C CYS C 180 -6.93 -16.45 -14.44
N LYS C 181 -6.07 -17.45 -14.22
CA LYS C 181 -5.48 -18.21 -15.29
C LYS C 181 -6.62 -18.91 -16.05
N HIS C 182 -7.49 -19.54 -15.27
CA HIS C 182 -8.64 -20.29 -15.81
C HIS C 182 -9.61 -19.38 -16.60
N LYS C 183 -10.15 -18.33 -15.97
CA LYS C 183 -11.19 -17.48 -16.63
C LYS C 183 -10.61 -16.48 -17.62
N TYR C 184 -9.42 -15.93 -17.35
CA TYR C 184 -8.90 -14.89 -18.25
C TYR C 184 -7.52 -15.22 -18.83
N PRO C 185 -7.40 -16.37 -19.54
CA PRO C 185 -6.12 -16.90 -19.99
C PRO C 185 -5.46 -16.09 -21.10
N GLU C 186 -6.15 -15.07 -21.62
CA GLU C 186 -5.60 -14.18 -22.62
C GLU C 186 -4.61 -13.12 -22.07
N GLN C 187 -4.50 -12.95 -20.74
CA GLN C 187 -3.79 -11.82 -20.10
C GLN C 187 -2.99 -12.33 -18.91
N PRO C 188 -1.66 -12.51 -19.04
CA PRO C 188 -0.85 -12.92 -17.90
C PRO C 188 -0.68 -11.85 -16.79
N GLY C 189 -0.45 -10.59 -17.19
CA GLY C 189 -0.39 -9.43 -16.28
C GLY C 189 -1.78 -8.95 -15.89
N ARG C 190 -2.48 -9.83 -15.14
CA ARG C 190 -3.86 -9.53 -14.68
C ARG C 190 -4.07 -9.92 -13.20
N PHE C 191 -3.44 -11.01 -12.75
CA PHE C 191 -3.24 -11.25 -11.34
C PHE C 191 -2.49 -10.08 -10.70
N ALA C 192 -1.35 -9.66 -11.29
CA ALA C 192 -0.62 -8.51 -10.74
C ALA C 192 -1.45 -7.22 -10.81
N LYS C 193 -2.14 -7.04 -11.92
CA LYS C 193 -2.91 -5.83 -12.17
C LYS C 193 -3.96 -5.66 -11.07
N LEU C 194 -4.69 -6.74 -10.74
CA LEU C 194 -5.65 -6.70 -9.66
C LEU C 194 -5.01 -6.39 -8.32
N LEU C 195 -3.91 -7.07 -7.99
CA LEU C 195 -3.28 -6.85 -6.70
C LEU C 195 -2.74 -5.43 -6.56
N LEU C 196 -2.35 -4.82 -7.69
CA LEU C 196 -1.82 -3.48 -7.65
C LEU C 196 -2.93 -2.39 -7.64
N ARG C 197 -4.19 -2.79 -7.36
CA ARG C 197 -5.22 -1.83 -6.84
C ARG C 197 -5.15 -1.68 -5.32
N LEU C 198 -4.48 -2.59 -4.61
CA LEU C 198 -4.55 -2.59 -3.18
C LEU C 198 -3.74 -1.46 -2.56
N PRO C 199 -2.54 -1.12 -3.08
CA PRO C 199 -1.83 0.02 -2.52
C PRO C 199 -2.56 1.36 -2.64
N ALA C 200 -3.16 1.59 -3.81
CA ALA C 200 -3.94 2.79 -4.04
C ALA C 200 -5.15 2.76 -3.09
N LEU C 201 -5.80 1.60 -2.92
CA LEU C 201 -6.94 1.51 -1.94
C LEU C 201 -6.51 1.88 -0.51
N ARG C 202 -5.33 1.45 -0.10
CA ARG C 202 -4.84 1.78 1.22
C ARG C 202 -4.61 3.30 1.34
N SER C 203 -4.01 3.94 0.31
CA SER C 203 -3.72 5.41 0.43
C SER C 203 -5.04 6.17 0.48
N ILE C 204 -5.95 5.81 -0.42
CA ILE C 204 -7.28 6.38 -0.38
C ILE C 204 -7.97 6.13 0.97
N GLY C 205 -7.86 4.93 1.51
CA GLY C 205 -8.50 4.61 2.79
C GLY C 205 -7.96 5.41 3.95
N LEU C 206 -6.64 5.62 4.00
CA LEU C 206 -6.04 6.45 5.01
C LEU C 206 -6.52 7.92 4.91
N LYS C 207 -6.75 8.41 3.68
CA LYS C 207 -7.16 9.76 3.52
C LYS C 207 -8.65 9.92 3.95
N CYS C 208 -9.45 8.90 3.67
CA CYS C 208 -10.83 8.91 4.10
C CYS C 208 -10.95 8.88 5.61
N LEU C 209 -10.12 8.11 6.29
CA LEU C 209 -10.13 8.07 7.74
C LEU C 209 -9.75 9.42 8.35
N GLU C 210 -8.70 10.01 7.77
CA GLU C 210 -8.24 11.41 8.10
C GLU C 210 -9.46 12.36 8.09
N HIS C 211 -10.14 12.44 6.95
CA HIS C 211 -11.34 13.24 6.84
C HIS C 211 -12.37 12.95 7.95
N LEU C 212 -12.62 11.67 8.20
CA LEU C 212 -13.72 11.24 9.09
C LEU C 212 -13.47 11.57 10.56
N PHE C 213 -12.21 11.45 11.03
CA PHE C 213 -11.75 11.87 12.33
C PHE C 213 -11.89 13.40 12.47
N PHE C 214 -11.61 14.04 11.31
CA PHE C 214 -11.78 15.46 11.23
C PHE C 214 -13.28 15.82 11.24
N PHE C 215 -14.15 15.11 10.52
CA PHE C 215 -15.62 15.31 10.60
C PHE C 215 -16.18 15.03 12.00
N LYS C 216 -15.61 14.05 12.71
CA LYS C 216 -16.02 13.74 14.11
C LYS C 216 -15.61 14.92 15.01
N LEU C 217 -14.37 15.35 14.84
CA LEU C 217 -13.70 16.42 15.64
C LEU C 217 -14.47 17.73 15.66
N ILE C 218 -14.87 18.26 14.51
CA ILE C 218 -15.55 19.53 14.54
C ILE C 218 -17.06 19.31 14.72
N GLY C 219 -17.60 18.08 14.73
CA GLY C 219 -19.08 17.89 14.71
C GLY C 219 -19.74 18.27 13.38
N ASP C 220 -18.95 18.54 12.31
CA ASP C 220 -19.46 18.93 10.96
C ASP C 220 -20.75 18.16 10.69
N THR C 221 -20.58 16.84 10.59
CA THR C 221 -21.59 15.94 10.07
C THR C 221 -22.00 14.95 11.15
N PRO C 222 -23.30 14.57 11.19
CA PRO C 222 -23.74 13.45 12.02
C PRO C 222 -23.13 12.10 11.59
N ILE C 223 -22.36 11.51 12.51
CA ILE C 223 -21.80 10.15 12.39
C ILE C 223 -22.61 9.22 13.30
N ASP C 224 -23.31 8.27 12.67
CA ASP C 224 -24.21 7.33 13.34
C ASP C 224 -23.38 6.31 14.17
N THR C 225 -24.08 5.36 14.79
CA THR C 225 -23.52 4.63 15.96
C THR C 225 -22.37 3.72 15.56
N PHE C 226 -22.55 2.86 14.55
CA PHE C 226 -21.55 1.84 14.20
C PHE C 226 -20.31 2.54 13.60
N LEU C 227 -20.56 3.47 12.69
CA LEU C 227 -19.47 4.25 12.14
C LEU C 227 -18.67 4.94 13.25
N MET C 228 -19.35 5.48 14.28
CA MET C 228 -18.62 6.17 15.38
C MET C 228 -17.71 5.19 16.11
N GLU C 229 -18.23 3.98 16.32
CA GLU C 229 -17.47 2.93 16.96
C GLU C 229 -16.20 2.60 16.17
N MET C 230 -16.29 2.52 14.84
CA MET C 230 -15.10 2.20 14.03
C MET C 230 -14.09 3.33 14.12
N LEU C 231 -14.51 4.58 14.37
CA LEU C 231 -13.58 5.71 14.52
C LEU C 231 -13.01 5.99 15.92
N GLU C 232 -13.39 5.34 17.03
CA GLU C 232 -12.59 5.43 18.28
C GLU C 232 -11.37 4.48 18.28
N ALA C 233 -10.64 4.39 19.41
CA ALA C 233 -9.43 3.50 19.46
C ALA C 233 -9.71 2.25 20.30
N ARG D 2 -14.20 -2.35 24.03
CA ARG D 2 -14.39 -0.96 23.48
C ARG D 2 -15.38 -0.92 22.31
N HIS D 3 -15.73 -2.09 21.72
CA HIS D 3 -16.43 -2.20 20.43
C HIS D 3 -17.64 -3.12 20.54
N LYS D 4 -18.75 -2.55 21.04
CA LYS D 4 -19.87 -3.27 21.55
C LYS D 4 -20.71 -3.81 20.40
N ILE D 5 -20.95 -2.96 19.41
CA ILE D 5 -21.83 -3.33 18.32
C ILE D 5 -21.13 -4.45 17.55
N LEU D 6 -19.86 -4.23 17.29
CA LEU D 6 -19.13 -5.13 16.45
C LEU D 6 -19.02 -6.51 17.14
N HIS D 7 -18.69 -6.53 18.44
CA HIS D 7 -18.69 -7.77 19.27
C HIS D 7 -20.04 -8.50 19.22
N ARG D 8 -21.13 -7.74 19.38
CA ARG D 8 -22.45 -8.37 19.36
C ARG D 8 -22.80 -8.97 17.99
N LEU D 9 -22.52 -8.23 16.91
CA LEU D 9 -22.89 -8.72 15.63
C LEU D 9 -22.08 -9.98 15.24
N LEU D 10 -20.84 -10.09 15.75
CA LEU D 10 -19.98 -11.25 15.47
C LEU D 10 -20.32 -12.46 16.33
N GLN D 11 -21.14 -12.31 17.38
CA GLN D 11 -21.83 -13.49 18.05
C GLN D 11 -22.32 -14.68 17.20
N GLU D 12 -22.99 -14.42 16.08
CA GLU D 12 -23.50 -15.47 15.23
C GLU D 12 -22.38 -16.42 14.75
#